data_5T0K
#
_entry.id   5T0K
#
_cell.length_a   75.101
_cell.length_b   92.307
_cell.length_c   93.143
_cell.angle_alpha   90.00
_cell.angle_beta   90.00
_cell.angle_gamma   90.00
#
_symmetry.space_group_name_H-M   'P 21 21 21'
#
loop_
_entity.id
_entity.type
_entity.pdbx_description
1 polymer 'Histone-lysine N-methyltransferase EHMT2'
2 polymer 'H3K9 mutant peptide'
3 non-polymer 'ZINC ION'
4 non-polymer S-ADENOSYLMETHIONINE
5 water water
#
loop_
_entity_poly.entity_id
_entity_poly.type
_entity_poly.pdbx_seq_one_letter_code
_entity_poly.pdbx_strand_id
1 'polypeptide(L)'
;NRAIRTEKIICRDVARGYENVPIPCVNGVDGEPCPEDYKYISENCETSTMNIDRNITHLQHCTCVDDCSSSNCLCGQLSI
RCWYDKDGRLLQEFNKIEPPLIFECNQACSCWRNCKNRVVQSGIKVRLQLYRTAKMGWGVRALQTIPQGTFICEYVGELI
SDAEADVREDDSYLFDLDNKDGEVYCIDARYYGNISRFINHLCDPNIIPVRVFMLHQDLRFPRIAFFSSRDIRTGEELGF
DYGDRFWDIKSKYFTCQCGSEKCKHSAEAIALEQSRLARLD
;
A,B
2 'polypeptide(L)' ARTKQTARMSTGGKA P,Q
#
loop_
_chem_comp.id
_chem_comp.type
_chem_comp.name
_chem_comp.formula
SAM non-polymer S-ADENOSYLMETHIONINE 'C15 H22 N6 O5 S'
ZN non-polymer 'ZINC ION' 'Zn 2'
#
# COMPACT_ATOMS: atom_id res chain seq x y z
N LYS A 8 31.10 3.05 14.20
CA LYS A 8 30.15 2.30 15.03
C LYS A 8 28.77 2.92 14.91
N ILE A 9 27.74 2.11 15.16
CA ILE A 9 26.38 2.48 14.77
C ILE A 9 25.71 3.42 15.76
N ILE A 10 25.16 4.51 15.24
CA ILE A 10 24.37 5.44 16.05
C ILE A 10 22.88 5.03 16.06
N CYS A 11 22.32 4.85 14.87
N CYS A 11 22.33 4.78 14.88
CA CYS A 11 20.95 4.31 14.70
CA CYS A 11 20.96 4.30 14.75
C CYS A 11 21.02 3.02 13.88
C CYS A 11 20.94 3.06 13.86
N ARG A 12 20.36 1.96 14.34
CA ARG A 12 20.40 0.71 13.57
C ARG A 12 19.48 0.78 12.34
N ASP A 13 18.44 1.60 12.40
CA ASP A 13 17.55 1.79 11.25
C ASP A 13 16.82 3.13 11.28
N VAL A 14 17.26 4.09 10.45
CA VAL A 14 16.57 5.38 10.47
C VAL A 14 15.17 5.27 9.90
N ALA A 15 14.85 4.16 9.25
CA ALA A 15 13.53 3.98 8.68
C ALA A 15 12.57 3.34 9.68
N ARG A 16 13.09 2.97 10.85
CA ARG A 16 12.28 2.32 11.91
C ARG A 16 11.37 1.21 11.35
N GLY A 17 11.97 0.36 10.52
CA GLY A 17 11.33 -0.85 10.04
C GLY A 17 10.42 -0.67 8.85
N TYR A 18 10.35 0.55 8.33
CA TYR A 18 9.43 0.85 7.23
C TYR A 18 9.89 0.33 5.87
N GLU A 19 11.18 0.05 5.72
CA GLU A 19 11.66 -0.51 4.45
C GLU A 19 11.88 -2.01 4.55
N ASN A 20 12.15 -2.66 3.41
CA ASN A 20 12.40 -4.11 3.40
C ASN A 20 13.68 -4.47 4.15
N VAL A 21 14.57 -3.49 4.26
CA VAL A 21 15.88 -3.68 4.88
C VAL A 21 16.14 -2.50 5.80
N PRO A 22 17.00 -2.68 6.82
CA PRO A 22 17.32 -1.52 7.66
C PRO A 22 18.29 -0.58 6.95
N ILE A 23 18.33 0.66 7.41
CA ILE A 23 19.24 1.67 6.90
C ILE A 23 19.93 2.31 8.10
N PRO A 24 21.10 1.80 8.49
CA PRO A 24 21.79 2.30 9.69
C PRO A 24 22.41 3.67 9.45
N CYS A 25 22.72 4.38 10.54
CA CYS A 25 23.35 5.68 10.46
C CYS A 25 24.63 5.70 11.30
N VAL A 26 25.69 6.25 10.74
CA VAL A 26 26.97 6.42 11.43
C VAL A 26 27.51 7.85 11.23
N ASN A 27 28.43 8.26 12.09
CA ASN A 27 29.08 9.56 11.97
C ASN A 27 30.51 9.44 12.44
N GLY A 28 31.45 9.42 11.50
CA GLY A 28 32.87 9.33 11.83
C GLY A 28 33.56 10.67 11.76
N VAL A 29 32.79 11.74 11.58
CA VAL A 29 33.35 13.06 11.38
C VAL A 29 33.23 13.98 12.61
N ASP A 30 32.04 14.05 13.20
CA ASP A 30 31.86 14.86 14.41
C ASP A 30 30.84 14.26 15.39
N GLY A 31 30.37 15.07 16.33
CA GLY A 31 29.48 14.58 17.37
C GLY A 31 28.02 14.84 17.07
N GLU A 32 27.73 15.24 15.83
CA GLU A 32 26.36 15.54 15.44
C GLU A 32 25.52 14.28 15.43
N PRO A 33 24.36 14.30 16.11
CA PRO A 33 23.48 13.13 16.03
C PRO A 33 22.91 12.96 14.63
N CYS A 34 22.50 11.75 14.30
CA CYS A 34 21.80 11.52 13.04
C CYS A 34 20.58 12.42 13.00
N PRO A 35 20.27 12.96 11.81
CA PRO A 35 19.23 13.99 11.71
C PRO A 35 17.85 13.49 12.14
N GLU A 36 17.12 14.31 12.87
CA GLU A 36 15.77 13.98 13.29
C GLU A 36 14.80 15.15 13.10
N ASP A 37 15.19 16.09 12.25
CA ASP A 37 14.35 17.26 12.00
C ASP A 37 13.42 17.03 10.81
N TYR A 38 13.00 15.79 10.63
CA TYR A 38 12.08 15.42 9.56
C TYR A 38 11.35 14.16 9.99
N LYS A 39 10.25 13.85 9.31
CA LYS A 39 9.51 12.63 9.60
C LYS A 39 9.78 11.59 8.54
N TYR A 40 10.33 10.44 8.93
CA TYR A 40 10.60 9.39 7.96
C TYR A 40 9.29 8.75 7.52
N ILE A 41 9.02 8.85 6.22
CA ILE A 41 7.88 8.16 5.61
C ILE A 41 8.36 7.32 4.43
N SER A 42 7.71 6.20 4.17
CA SER A 42 8.15 5.30 3.10
C SER A 42 7.36 5.46 1.81
N GLU A 43 6.21 6.15 1.88
CA GLU A 43 5.46 6.48 0.67
C GLU A 43 5.03 7.95 0.70
N ASN A 44 4.81 8.56 -0.47
CA ASN A 44 4.50 9.98 -0.53
C ASN A 44 3.28 10.34 0.30
N CYS A 45 3.30 11.54 0.89
CA CYS A 45 2.17 11.99 1.69
C CYS A 45 1.58 13.27 1.13
N GLU A 46 0.40 13.62 1.64
CA GLU A 46 -0.29 14.86 1.26
C GLU A 46 -0.52 15.71 2.50
N THR A 47 -0.36 17.02 2.37
CA THR A 47 -0.69 17.95 3.44
C THR A 47 -1.75 18.95 2.97
N SER A 48 -2.26 18.67 1.78
CA SER A 48 -3.43 19.34 1.22
C SER A 48 -3.96 18.40 0.13
N THR A 49 -5.22 18.57 -0.26
CA THR A 49 -5.87 17.66 -1.20
C THR A 49 -5.14 17.63 -2.55
N MET A 50 -4.78 16.44 -3.01
CA MET A 50 -4.05 16.31 -4.26
C MET A 50 -4.92 15.82 -5.43
N ASN A 51 -6.04 15.19 -5.11
CA ASN A 51 -7.00 14.76 -6.13
C ASN A 51 -6.40 13.80 -7.15
N ILE A 52 -5.51 12.92 -6.70
CA ILE A 52 -4.92 11.91 -7.57
C ILE A 52 -5.99 11.00 -8.15
N ASP A 53 -5.94 10.75 -9.44
CA ASP A 53 -6.92 9.85 -10.06
C ASP A 53 -6.61 8.41 -9.69
N ARG A 54 -7.44 7.83 -8.81
CA ARG A 54 -7.25 6.48 -8.32
C ARG A 54 -8.27 5.48 -8.88
N ASN A 55 -9.07 5.92 -9.85
CA ASN A 55 -10.11 5.09 -10.46
C ASN A 55 -9.51 3.87 -11.16
N ILE A 56 -9.82 2.68 -10.66
CA ILE A 56 -9.21 1.46 -11.19
C ILE A 56 -9.58 1.23 -12.66
N THR A 57 -10.75 1.74 -13.09
CA THR A 57 -11.16 1.59 -14.49
C THR A 57 -10.41 2.54 -15.43
N HIS A 58 -9.64 3.47 -14.89
CA HIS A 58 -8.85 4.39 -15.72
C HIS A 58 -7.46 3.87 -16.00
N LEU A 59 -7.10 2.76 -15.36
CA LEU A 59 -5.79 2.14 -15.57
C LEU A 59 -5.69 1.46 -16.93
N GLN A 60 -4.61 1.72 -17.67
CA GLN A 60 -4.27 0.85 -18.79
C GLN A 60 -3.57 -0.34 -18.19
N HIS A 61 -3.83 -1.51 -18.75
CA HIS A 61 -3.34 -2.74 -18.13
C HIS A 61 -3.22 -3.84 -19.16
N CYS A 62 -2.50 -4.89 -18.78
CA CYS A 62 -2.20 -5.94 -19.73
C CYS A 62 -3.07 -7.16 -19.46
N THR A 63 -3.11 -8.04 -20.46
CA THR A 63 -3.91 -9.25 -20.36
C THR A 63 -3.02 -10.49 -20.42
N CYS A 64 -1.75 -10.32 -20.06
CA CYS A 64 -0.76 -11.39 -20.10
C CYS A 64 -1.12 -12.60 -19.25
N VAL A 65 -0.85 -13.78 -19.78
CA VAL A 65 -1.04 -15.03 -19.04
C VAL A 65 0.30 -15.59 -18.55
N ASP A 66 1.38 -14.87 -18.81
CA ASP A 66 2.72 -15.32 -18.41
C ASP A 66 3.36 -14.36 -17.39
N ASP A 67 4.69 -14.26 -17.39
CA ASP A 67 5.39 -13.38 -16.47
C ASP A 67 5.67 -11.98 -17.06
N CYS A 68 4.95 -11.64 -18.13
CA CYS A 68 5.03 -10.32 -18.77
C CYS A 68 6.40 -10.05 -19.40
N SER A 69 7.00 -11.11 -19.94
CA SER A 69 8.27 -10.97 -20.65
C SER A 69 8.08 -11.04 -22.15
N SER A 70 6.82 -11.03 -22.60
CA SER A 70 6.55 -11.15 -24.03
C SER A 70 6.08 -9.83 -24.66
N SER A 71 6.03 -9.83 -25.99
CA SER A 71 5.54 -8.68 -26.75
C SER A 71 4.03 -8.46 -26.59
N ASN A 72 3.35 -9.38 -25.91
CA ASN A 72 1.91 -9.25 -25.70
C ASN A 72 1.56 -8.25 -24.58
N CYS A 73 2.57 -7.79 -23.83
CA CYS A 73 2.31 -6.98 -22.64
C CYS A 73 2.11 -5.52 -22.96
N LEU A 74 0.89 -5.01 -22.79
CA LEU A 74 0.60 -3.62 -23.04
C LEU A 74 1.45 -2.72 -22.16
N CYS A 75 1.66 -3.12 -20.92
CA CYS A 75 2.38 -2.29 -19.97
C CYS A 75 3.82 -2.08 -20.42
N GLY A 76 4.44 -3.12 -20.96
CA GLY A 76 5.76 -3.00 -21.56
C GLY A 76 5.75 -1.99 -22.69
N GLN A 77 4.71 -2.03 -23.53
CA GLN A 77 4.60 -1.10 -24.66
C GLN A 77 4.38 0.35 -24.21
N LEU A 78 3.60 0.55 -23.14
CA LEU A 78 3.43 1.87 -22.59
C LEU A 78 4.77 2.45 -22.13
N SER A 79 5.65 1.54 -21.74
CA SER A 79 7.00 1.89 -21.31
C SER A 79 7.97 1.96 -22.47
N ILE A 80 7.44 1.84 -23.69
CA ILE A 80 8.15 1.53 -24.95
C ILE A 80 8.50 0.04 -25.03
N ARG A 81 9.27 -0.44 -24.06
CA ARG A 81 9.40 -1.88 -23.85
C ARG A 81 9.59 -2.12 -22.36
N CYS A 82 9.43 -3.34 -21.89
CA CYS A 82 9.78 -3.61 -20.50
C CYS A 82 11.30 -3.54 -20.40
N TRP A 83 11.80 -2.67 -19.53
CA TRP A 83 13.24 -2.43 -19.43
C TRP A 83 13.93 -3.30 -18.39
N TYR A 84 13.17 -4.14 -17.71
CA TYR A 84 13.75 -4.95 -16.65
C TYR A 84 14.19 -6.33 -17.16
N ASP A 85 15.36 -6.79 -16.74
CA ASP A 85 15.77 -8.13 -17.10
C ASP A 85 15.23 -9.12 -16.07
N LYS A 86 15.68 -10.37 -16.15
CA LYS A 86 15.13 -11.43 -15.32
C LYS A 86 15.44 -11.20 -13.84
N ASP A 87 16.50 -10.43 -13.58
CA ASP A 87 16.92 -10.12 -12.21
C ASP A 87 16.37 -8.78 -11.71
N GLY A 88 15.55 -8.14 -12.52
CA GLY A 88 14.91 -6.91 -12.12
C GLY A 88 15.79 -5.68 -12.33
N ARG A 89 16.84 -5.83 -13.13
CA ARG A 89 17.72 -4.71 -13.43
C ARG A 89 17.46 -4.13 -14.81
N LEU A 90 17.69 -2.83 -14.95
CA LEU A 90 17.50 -2.17 -16.23
C LEU A 90 18.42 -2.80 -17.27
N LEU A 91 17.89 -3.00 -18.47
CA LEU A 91 18.68 -3.49 -19.59
C LEU A 91 19.84 -2.54 -19.87
N GLN A 92 20.96 -3.07 -20.33
CA GLN A 92 22.10 -2.23 -20.64
C GLN A 92 21.70 -1.18 -21.69
N GLU A 93 20.76 -1.54 -22.56
CA GLU A 93 20.25 -0.67 -23.61
C GLU A 93 19.47 0.55 -23.10
N PHE A 94 19.09 0.51 -21.83
CA PHE A 94 18.31 1.59 -21.22
C PHE A 94 19.01 2.94 -21.36
N ASN A 95 18.26 3.96 -21.77
CA ASN A 95 18.81 5.30 -21.94
C ASN A 95 18.98 5.98 -20.59
N LYS A 96 20.22 5.99 -20.09
CA LYS A 96 20.54 6.55 -18.78
C LYS A 96 20.66 8.08 -18.85
N ILE A 97 20.63 8.62 -20.05
CA ILE A 97 20.74 10.06 -20.25
C ILE A 97 19.38 10.74 -20.28
N GLU A 98 18.49 10.18 -21.09
CA GLU A 98 17.12 10.68 -21.17
C GLU A 98 16.16 9.52 -20.94
N PRO A 99 15.85 9.22 -19.67
CA PRO A 99 15.11 7.99 -19.37
C PRO A 99 13.65 8.05 -19.82
N PRO A 100 13.14 6.93 -20.34
CA PRO A 100 11.72 6.82 -20.70
C PRO A 100 10.83 6.76 -19.46
N LEU A 101 9.54 7.01 -19.62
CA LEU A 101 8.55 6.76 -18.57
C LEU A 101 8.35 5.25 -18.44
N ILE A 102 8.36 4.74 -17.21
CA ILE A 102 8.12 3.32 -16.98
C ILE A 102 6.72 3.13 -16.45
N PHE A 103 5.97 2.24 -17.07
CA PHE A 103 4.66 1.85 -16.59
C PHE A 103 4.79 0.44 -16.09
N GLU A 104 4.78 0.26 -14.77
CA GLU A 104 4.79 -1.09 -14.20
C GLU A 104 3.40 -1.70 -14.28
N CYS A 105 3.33 -3.01 -14.12
CA CYS A 105 2.04 -3.66 -14.02
C CYS A 105 1.34 -3.24 -12.74
N ASN A 106 0.03 -3.42 -12.71
CA ASN A 106 -0.78 -2.86 -11.65
C ASN A 106 -1.92 -3.82 -11.27
N GLN A 107 -2.82 -3.36 -10.41
CA GLN A 107 -3.85 -4.21 -9.85
C GLN A 107 -4.94 -4.56 -10.88
N ALA A 108 -4.95 -3.87 -12.01
CA ALA A 108 -5.92 -4.21 -13.07
C ALA A 108 -5.36 -5.23 -14.08
N CYS A 109 -4.04 -5.40 -14.12
CA CYS A 109 -3.44 -6.39 -15.01
C CYS A 109 -3.88 -7.80 -14.65
N SER A 110 -3.87 -8.68 -15.65
CA SER A 110 -4.24 -10.07 -15.41
C SER A 110 -3.07 -10.91 -14.90
N CYS A 111 -1.85 -10.37 -14.98
CA CYS A 111 -0.67 -11.11 -14.56
C CYS A 111 -0.61 -11.26 -13.02
N TRP A 112 0.33 -12.06 -12.56
CA TRP A 112 0.53 -12.23 -11.13
C TRP A 112 1.44 -11.16 -10.57
N ARG A 113 1.38 -10.98 -9.24
CA ARG A 113 2.16 -9.98 -8.53
C ARG A 113 3.68 -10.18 -8.71
N ASN A 114 4.09 -11.38 -9.10
CA ASN A 114 5.52 -11.64 -9.27
C ASN A 114 5.97 -11.64 -10.74
N CYS A 115 5.25 -10.90 -11.58
CA CYS A 115 5.66 -10.80 -12.98
C CYS A 115 6.93 -9.93 -13.06
N LYS A 116 7.54 -9.90 -14.23
CA LYS A 116 8.83 -9.25 -14.40
C LYS A 116 8.75 -7.72 -14.43
N ASN A 117 7.54 -7.19 -14.50
CA ASN A 117 7.38 -5.75 -14.64
C ASN A 117 6.89 -5.05 -13.36
N ARG A 118 7.52 -5.36 -12.21
CA ARG A 118 7.08 -4.80 -10.93
C ARG A 118 8.22 -4.49 -9.96
N VAL A 119 9.32 -3.97 -10.47
CA VAL A 119 10.51 -3.81 -9.67
C VAL A 119 10.38 -2.70 -8.62
N VAL A 120 9.99 -1.51 -9.04
CA VAL A 120 9.97 -0.39 -8.10
C VAL A 120 8.91 -0.62 -7.03
N GLN A 121 7.80 -1.26 -7.40
CA GLN A 121 6.73 -1.40 -6.42
C GLN A 121 7.08 -2.46 -5.37
N SER A 122 8.20 -3.17 -5.55
CA SER A 122 8.62 -4.16 -4.56
C SER A 122 9.60 -3.60 -3.52
N GLY A 123 10.00 -2.34 -3.70
CA GLY A 123 10.75 -1.63 -2.65
C GLY A 123 12.25 -1.84 -2.60
N ILE A 124 12.86 -1.37 -1.51
CA ILE A 124 14.32 -1.35 -1.36
C ILE A 124 14.84 -2.75 -1.09
N LYS A 125 15.89 -3.14 -1.80
CA LYS A 125 16.51 -4.44 -1.60
C LYS A 125 18.00 -4.34 -1.25
N VAL A 126 18.64 -3.23 -1.62
CA VAL A 126 20.08 -3.09 -1.38
C VAL A 126 20.37 -2.52 0.00
N ARG A 127 21.57 -2.80 0.50
CA ARG A 127 22.00 -2.29 1.80
C ARG A 127 22.70 -0.95 1.64
N LEU A 128 22.10 0.06 2.27
CA LEU A 128 22.56 1.44 2.26
C LEU A 128 22.93 1.88 3.65
N GLN A 129 23.68 2.98 3.74
CA GLN A 129 24.02 3.55 5.03
C GLN A 129 23.93 5.05 4.96
N LEU A 130 23.29 5.65 5.96
CA LEU A 130 23.33 7.10 6.16
C LEU A 130 24.61 7.45 6.92
N TYR A 131 25.39 8.39 6.40
CA TYR A 131 26.65 8.72 7.05
C TYR A 131 27.00 10.18 6.91
N ARG A 132 27.96 10.60 7.72
CA ARG A 132 28.38 11.98 7.72
C ARG A 132 29.53 12.15 6.75
N THR A 133 29.35 13.00 5.73
CA THR A 133 30.42 13.28 4.78
C THR A 133 31.32 14.39 5.29
N ALA A 134 32.43 14.58 4.62
CA ALA A 134 33.37 15.61 5.01
C ALA A 134 32.84 17.02 4.69
N LYS A 135 32.30 17.20 3.50
CA LYS A 135 32.01 18.55 3.01
C LYS A 135 30.59 18.78 2.54
N MET A 136 29.80 17.70 2.52
CA MET A 136 28.45 17.78 1.95
C MET A 136 27.36 17.36 2.94
N GLY A 137 27.59 17.59 4.23
CA GLY A 137 26.60 17.19 5.24
C GLY A 137 26.40 15.69 5.33
N TRP A 138 25.16 15.26 5.51
CA TRP A 138 24.87 13.83 5.52
C TRP A 138 24.74 13.33 4.09
N GLY A 139 25.13 12.08 3.87
CA GLY A 139 24.99 11.45 2.57
C GLY A 139 24.66 9.98 2.70
N VAL A 140 24.49 9.31 1.55
CA VAL A 140 24.12 7.89 1.52
C VAL A 140 25.16 7.11 0.74
N ARG A 141 25.64 6.01 1.31
CA ARG A 141 26.59 5.17 0.60
C ARG A 141 26.21 3.70 0.62
N ALA A 142 26.84 2.94 -0.28
CA ALA A 142 26.56 1.52 -0.43
C ALA A 142 27.30 0.69 0.62
N LEU A 143 26.60 -0.31 1.16
CA LEU A 143 27.21 -1.29 2.07
C LEU A 143 27.40 -2.62 1.37
N GLN A 144 27.18 -2.64 0.06
CA GLN A 144 27.31 -3.84 -0.77
C GLN A 144 27.59 -3.42 -2.19
N THR A 145 28.03 -4.37 -3.01
CA THR A 145 28.17 -4.11 -4.43
C THR A 145 26.78 -3.94 -5.02
N ILE A 146 26.59 -2.92 -5.86
CA ILE A 146 25.31 -2.70 -6.50
C ILE A 146 25.53 -2.69 -8.01
N PRO A 147 25.13 -3.78 -8.68
CA PRO A 147 25.34 -3.83 -10.13
C PRO A 147 24.57 -2.74 -10.87
N GLN A 148 25.10 -2.32 -12.01
CA GLN A 148 24.42 -1.39 -12.90
C GLN A 148 22.97 -1.78 -13.14
N GLY A 149 22.06 -0.80 -13.12
CA GLY A 149 20.67 -1.02 -13.47
C GLY A 149 19.81 -1.47 -12.30
N THR A 150 20.37 -1.50 -11.10
CA THR A 150 19.63 -1.97 -9.93
C THR A 150 18.75 -0.88 -9.32
N PHE A 151 17.50 -1.19 -9.01
CA PHE A 151 16.67 -0.25 -8.26
C PHE A 151 17.25 0.00 -6.88
N ILE A 152 17.38 1.28 -6.51
CA ILE A 152 17.92 1.66 -5.21
C ILE A 152 16.85 2.06 -4.22
N CYS A 153 16.14 3.14 -4.53
CA CYS A 153 15.12 3.66 -3.65
C CYS A 153 14.29 4.69 -4.41
N GLU A 154 13.18 5.09 -3.81
CA GLU A 154 12.29 6.09 -4.39
C GLU A 154 12.50 7.44 -3.71
N TYR A 155 12.37 8.53 -4.47
CA TYR A 155 12.38 9.85 -3.84
C TYR A 155 10.99 10.10 -3.29
N VAL A 156 10.88 10.02 -1.97
CA VAL A 156 9.58 10.03 -1.28
C VAL A 156 9.47 11.31 -0.47
N GLY A 157 8.31 11.94 -0.49
CA GLY A 157 8.12 13.13 0.32
C GLY A 157 6.70 13.64 0.31
N GLU A 158 6.58 14.93 0.57
CA GLU A 158 5.30 15.64 0.64
C GLU A 158 4.95 16.15 -0.76
N LEU A 159 3.80 15.75 -1.28
CA LEU A 159 3.35 16.23 -2.59
C LEU A 159 2.85 17.67 -2.47
N ILE A 160 3.42 18.58 -3.26
CA ILE A 160 2.96 19.96 -3.23
C ILE A 160 2.83 20.52 -4.64
N SER A 161 2.05 21.60 -4.78
CA SER A 161 1.94 22.26 -6.08
C SER A 161 3.21 23.02 -6.43
N ASP A 162 3.38 23.29 -7.71
CA ASP A 162 4.45 24.13 -8.19
C ASP A 162 4.45 25.48 -7.46
N ALA A 163 3.27 26.05 -7.28
CA ALA A 163 3.13 27.35 -6.63
C ALA A 163 3.57 27.29 -5.18
N GLU A 164 3.15 26.24 -4.48
CA GLU A 164 3.55 26.06 -3.09
C GLU A 164 5.06 25.87 -3.01
N ALA A 165 5.62 25.14 -3.97
CA ALA A 165 7.05 24.87 -3.99
C ALA A 165 7.86 26.15 -4.12
N ASP A 166 7.33 27.11 -4.89
CA ASP A 166 8.04 28.38 -5.12
C ASP A 166 8.04 29.30 -3.90
N VAL A 167 7.29 28.97 -2.85
CA VAL A 167 7.25 29.79 -1.66
C VAL A 167 7.76 29.00 -0.42
N ARG A 168 8.25 27.78 -0.63
CA ARG A 168 8.90 27.04 0.44
C ARG A 168 10.21 27.71 0.82
N GLU A 169 10.45 27.90 2.12
CA GLU A 169 11.65 28.61 2.56
C GLU A 169 12.92 27.80 2.36
N ASP A 170 12.83 26.50 2.63
CA ASP A 170 13.95 25.58 2.44
C ASP A 170 13.77 24.91 1.09
N ASP A 171 14.68 25.17 0.15
CA ASP A 171 14.57 24.56 -1.17
C ASP A 171 15.73 23.61 -1.43
N SER A 172 16.10 22.87 -0.39
CA SER A 172 17.18 21.89 -0.50
C SER A 172 16.67 20.51 -0.88
N TYR A 173 15.36 20.32 -0.81
CA TYR A 173 14.78 18.98 -0.96
C TYR A 173 13.60 18.92 -1.92
N LEU A 174 13.52 19.86 -2.86
CA LEU A 174 12.42 19.91 -3.82
C LEU A 174 12.74 19.15 -5.10
N PHE A 175 11.88 18.20 -5.46
CA PHE A 175 12.03 17.44 -6.70
C PHE A 175 10.82 17.68 -7.61
N ASP A 176 11.03 18.33 -8.75
CA ASP A 176 9.96 18.56 -9.73
C ASP A 176 9.51 17.26 -10.38
N LEU A 177 8.19 17.07 -10.48
CA LEU A 177 7.68 15.86 -11.10
C LEU A 177 7.54 16.02 -12.61
N ASP A 178 7.54 17.26 -13.08
CA ASP A 178 7.38 17.49 -14.50
C ASP A 178 8.17 18.73 -14.92
N GLU A 183 0.05 22.79 -14.85
CA GLU A 183 -0.29 22.14 -13.59
C GLU A 183 0.75 21.08 -13.21
N VAL A 184 1.91 21.56 -12.78
CA VAL A 184 3.05 20.72 -12.41
C VAL A 184 3.12 20.56 -10.88
N TYR A 185 3.55 19.39 -10.42
CA TYR A 185 3.66 19.15 -8.98
C TYR A 185 5.10 18.83 -8.58
N CYS A 186 5.34 18.81 -7.28
CA CYS A 186 6.69 18.73 -6.73
C CYS A 186 6.67 17.85 -5.48
N ILE A 187 7.75 17.11 -5.24
CA ILE A 187 7.91 16.42 -3.97
C ILE A 187 8.88 17.19 -3.08
N ASP A 188 8.43 17.59 -1.89
CA ASP A 188 9.30 18.27 -0.95
C ASP A 188 9.63 17.30 0.18
N ALA A 189 10.90 16.94 0.30
CA ALA A 189 11.29 15.96 1.31
C ALA A 189 11.86 16.63 2.54
N ARG A 190 11.64 17.93 2.69
CA ARG A 190 12.20 18.68 3.82
C ARG A 190 11.59 18.24 5.16
N TYR A 191 10.27 18.14 5.23
CA TYR A 191 9.59 17.84 6.49
C TYR A 191 9.16 16.39 6.61
N TYR A 192 8.87 15.78 5.46
CA TYR A 192 8.52 14.36 5.38
C TYR A 192 9.35 13.79 4.25
N GLY A 193 10.07 12.69 4.50
CA GLY A 193 10.94 12.14 3.47
C GLY A 193 11.45 10.76 3.83
N ASN A 194 12.08 10.09 2.88
CA ASN A 194 12.76 8.83 3.18
C ASN A 194 14.28 8.99 3.00
N ILE A 195 14.97 7.86 2.89
CA ILE A 195 16.43 7.87 2.79
C ILE A 195 16.93 8.74 1.62
N SER A 196 16.13 8.86 0.57
N SER A 196 16.14 8.86 0.56
CA SER A 196 16.55 9.59 -0.64
CA SER A 196 16.56 9.59 -0.65
C SER A 196 16.83 11.07 -0.39
C SER A 196 16.83 11.07 -0.39
N ARG A 197 16.21 11.62 0.64
CA ARG A 197 16.42 13.03 0.96
C ARG A 197 17.87 13.32 1.32
N PHE A 198 18.63 12.27 1.64
CA PHE A 198 20.02 12.46 2.03
C PHE A 198 21.00 12.20 0.88
N ILE A 199 20.50 11.84 -0.30
CA ILE A 199 21.38 11.58 -1.44
C ILE A 199 21.90 12.90 -2.02
N ASN A 200 23.22 13.02 -2.08
CA ASN A 200 23.86 14.24 -2.54
C ASN A 200 23.97 14.33 -4.04
N HIS A 201 24.35 15.52 -4.52
CA HIS A 201 24.62 15.74 -5.93
C HIS A 201 26.04 15.35 -6.30
N LEU A 202 26.17 14.64 -7.42
CA LEU A 202 27.50 14.34 -7.97
C LEU A 202 27.52 14.73 -9.44
N CYS A 203 28.60 15.37 -9.87
CA CYS A 203 28.71 15.73 -11.29
C CYS A 203 29.10 14.52 -12.10
N ASP A 204 29.70 13.54 -11.43
CA ASP A 204 29.94 12.22 -12.00
C ASP A 204 29.03 11.20 -11.27
N PRO A 205 27.73 11.23 -11.56
CA PRO A 205 26.76 10.45 -10.76
C PRO A 205 26.80 8.94 -11.02
N ASN A 206 26.29 8.17 -10.05
CA ASN A 206 26.22 6.73 -10.23
C ASN A 206 24.79 6.21 -10.11
N ILE A 207 23.85 7.13 -9.90
CA ILE A 207 22.43 6.78 -10.00
C ILE A 207 21.66 7.79 -10.84
N ILE A 208 20.52 7.36 -11.38
CA ILE A 208 19.66 8.25 -12.13
C ILE A 208 18.21 8.11 -11.65
N PRO A 209 17.50 9.25 -11.61
CA PRO A 209 16.06 9.20 -11.32
C PRO A 209 15.26 8.90 -12.58
N VAL A 210 14.19 8.12 -12.41
CA VAL A 210 13.34 7.68 -13.52
C VAL A 210 11.88 7.86 -13.08
N ARG A 211 11.04 8.42 -13.96
CA ARG A 211 9.63 8.57 -13.63
C ARG A 211 8.89 7.24 -13.84
N VAL A 212 8.12 6.83 -12.83
CA VAL A 212 7.47 5.51 -12.86
C VAL A 212 6.01 5.58 -12.45
N PHE A 213 5.17 4.79 -13.11
CA PHE A 213 3.78 4.62 -12.70
C PHE A 213 3.53 3.20 -12.24
N MET A 214 2.78 3.10 -11.14
CA MET A 214 2.49 1.80 -10.54
C MET A 214 0.99 1.64 -10.29
N LEU A 215 0.52 2.03 -9.11
CA LEU A 215 -0.86 1.72 -8.72
C LEU A 215 -1.88 2.73 -9.25
N HIS A 216 -1.40 3.85 -9.79
CA HIS A 216 -2.27 4.80 -10.48
C HIS A 216 -1.50 5.25 -11.72
N GLN A 217 -2.22 5.85 -12.67
CA GLN A 217 -1.53 6.38 -13.85
C GLN A 217 -1.91 7.84 -14.10
N ASP A 218 -2.07 8.57 -13.00
CA ASP A 218 -2.27 10.01 -13.06
C ASP A 218 -0.95 10.65 -13.46
N LEU A 219 -0.88 11.16 -14.69
CA LEU A 219 0.39 11.64 -15.24
C LEU A 219 0.94 12.88 -14.53
N ARG A 220 0.12 13.51 -13.71
CA ARG A 220 0.59 14.65 -12.92
C ARG A 220 1.50 14.18 -11.80
N PHE A 221 1.43 12.89 -11.48
CA PHE A 221 2.11 12.38 -10.29
C PHE A 221 2.96 11.15 -10.55
N PRO A 222 3.98 11.28 -11.42
CA PRO A 222 4.96 10.19 -11.53
C PRO A 222 5.64 10.01 -10.20
N ARG A 223 6.10 8.80 -9.91
CA ARG A 223 6.89 8.53 -8.73
C ARG A 223 8.35 8.43 -9.18
N ILE A 224 9.27 8.89 -8.35
CA ILE A 224 10.66 9.02 -8.77
C ILE A 224 11.49 7.86 -8.24
N ALA A 225 11.97 7.02 -9.15
CA ALA A 225 12.75 5.83 -8.79
C ALA A 225 14.22 6.03 -9.14
N PHE A 226 15.11 5.79 -8.18
CA PHE A 226 16.55 5.82 -8.48
C PHE A 226 17.08 4.45 -8.86
N PHE A 227 17.77 4.37 -9.98
CA PHE A 227 18.47 3.16 -10.42
C PHE A 227 19.96 3.45 -10.53
N SER A 228 20.81 2.48 -10.24
CA SER A 228 22.25 2.67 -10.46
C SER A 228 22.55 2.76 -11.96
N SER A 229 23.47 3.64 -12.35
CA SER A 229 23.77 3.82 -13.77
C SER A 229 25.09 3.16 -14.14
N ARG A 230 25.76 2.62 -13.13
CA ARG A 230 26.98 1.83 -13.31
C ARG A 230 27.13 0.91 -12.11
N ASP A 231 28.12 0.02 -12.14
CA ASP A 231 28.39 -0.80 -10.95
C ASP A 231 28.86 0.12 -9.82
N ILE A 232 28.31 -0.09 -8.62
CA ILE A 232 28.71 0.68 -7.46
C ILE A 232 29.35 -0.26 -6.45
N ARG A 233 30.49 0.14 -5.90
CA ARG A 233 31.21 -0.72 -4.98
C ARG A 233 30.91 -0.33 -3.54
N THR A 234 31.11 -1.27 -2.62
CA THR A 234 30.90 -1.02 -1.19
C THR A 234 31.68 0.18 -0.70
N GLY A 235 30.99 1.09 -0.02
CA GLY A 235 31.61 2.29 0.50
C GLY A 235 31.46 3.52 -0.38
N GLU A 236 31.08 3.31 -1.64
CA GLU A 236 30.94 4.47 -2.52
C GLU A 236 29.69 5.27 -2.21
N GLU A 237 29.83 6.60 -2.19
CA GLU A 237 28.67 7.46 -1.98
C GLU A 237 27.76 7.44 -3.20
N LEU A 238 26.45 7.35 -2.96
CA LEU A 238 25.47 7.45 -4.02
C LEU A 238 25.20 8.91 -4.34
N GLY A 239 25.00 9.23 -5.62
CA GLY A 239 24.66 10.58 -5.96
C GLY A 239 24.11 10.66 -7.36
N PHE A 240 23.23 11.62 -7.59
CA PHE A 240 22.73 11.86 -8.93
C PHE A 240 22.99 13.31 -9.34
N ASP A 241 22.81 13.58 -10.62
CA ASP A 241 22.93 14.94 -11.12
C ASP A 241 21.63 15.68 -10.86
N TYR A 242 21.65 16.56 -9.86
CA TYR A 242 20.45 17.30 -9.47
C TYR A 242 19.89 18.10 -10.65
N GLY A 243 20.76 18.53 -11.56
CA GLY A 243 20.31 19.25 -12.74
C GLY A 243 20.39 20.76 -12.61
N ASP A 244 20.20 21.45 -13.73
CA ASP A 244 20.40 22.89 -13.76
C ASP A 244 19.26 23.67 -13.11
N ARG A 245 18.06 23.08 -13.04
CA ARG A 245 16.98 23.77 -12.35
C ARG A 245 17.25 23.82 -10.84
N PHE A 246 18.24 23.06 -10.39
CA PHE A 246 18.72 23.16 -9.01
C PHE A 246 19.89 24.14 -8.94
N TRP A 247 20.91 23.89 -9.76
CA TRP A 247 22.17 24.62 -9.62
C TRP A 247 22.13 26.05 -10.16
N ASP A 248 21.23 26.34 -11.12
CA ASP A 248 21.07 27.72 -11.62
C ASP A 248 20.78 28.68 -10.46
N ILE A 249 20.03 28.19 -9.49
CA ILE A 249 19.69 28.94 -8.31
C ILE A 249 20.72 28.76 -7.20
N LYS A 250 21.04 27.50 -6.89
CA LYS A 250 21.88 27.19 -5.73
C LYS A 250 23.34 27.66 -5.87
N SER A 251 23.85 27.68 -7.11
CA SER A 251 25.24 28.07 -7.36
C SER A 251 25.53 29.52 -6.97
N LYS A 252 24.48 30.27 -6.69
CA LYS A 252 24.64 31.65 -6.25
C LYS A 252 24.80 31.75 -4.75
N TYR A 253 24.71 30.61 -4.06
CA TYR A 253 24.83 30.57 -2.61
C TYR A 253 25.95 29.64 -2.13
N PHE A 254 26.10 28.50 -2.77
CA PHE A 254 27.22 27.62 -2.45
C PHE A 254 27.71 26.89 -3.70
N THR A 255 28.88 26.30 -3.59
CA THR A 255 29.51 25.68 -4.74
C THR A 255 29.57 24.16 -4.56
N CYS A 256 29.74 23.45 -5.67
CA CYS A 256 29.71 22.00 -5.61
C CYS A 256 31.00 21.48 -5.00
N GLN A 257 30.84 20.57 -4.04
CA GLN A 257 31.97 19.95 -3.35
C GLN A 257 32.22 18.50 -3.76
N CYS A 258 31.69 18.08 -4.92
CA CYS A 258 31.77 16.67 -5.27
C CYS A 258 33.21 16.26 -5.58
N GLY A 259 34.03 17.21 -6.00
CA GLY A 259 35.45 16.96 -6.17
C GLY A 259 35.84 16.24 -7.44
N SER A 260 34.88 16.05 -8.35
CA SER A 260 35.16 15.40 -9.61
C SER A 260 36.04 16.30 -10.49
N GLU A 261 36.91 15.68 -11.29
CA GLU A 261 37.68 16.45 -12.24
C GLU A 261 36.76 16.92 -13.37
N LYS A 262 35.55 16.37 -13.40
CA LYS A 262 34.51 16.77 -14.35
C LYS A 262 33.47 17.71 -13.75
N CYS A 263 33.72 18.23 -12.55
CA CYS A 263 32.72 19.02 -11.85
C CYS A 263 32.26 20.23 -12.66
N LYS A 264 30.94 20.37 -12.78
CA LYS A 264 30.33 21.42 -13.57
C LYS A 264 29.92 22.63 -12.74
N HIS A 265 29.99 22.49 -11.41
CA HIS A 265 29.44 23.51 -10.54
C HIS A 265 30.39 23.91 -9.42
N SER A 266 31.68 23.67 -9.65
CA SER A 266 32.71 24.05 -8.68
C SER A 266 32.89 25.55 -8.61
N ALA A 267 33.55 25.99 -7.55
CA ALA A 267 33.90 27.39 -7.40
C ALA A 267 34.60 27.91 -8.66
N GLU A 268 35.57 27.13 -9.16
CA GLU A 268 36.31 27.56 -10.35
C GLU A 268 35.39 27.58 -11.57
N ALA A 269 34.56 26.57 -11.72
CA ALA A 269 33.65 26.50 -12.86
C ALA A 269 32.65 27.67 -12.84
N ILE A 270 32.18 28.02 -11.64
CA ILE A 270 31.22 29.09 -11.49
C ILE A 270 31.88 30.45 -11.74
N ALA A 271 33.06 30.65 -11.17
CA ALA A 271 33.82 31.88 -11.39
C ALA A 271 34.09 32.06 -12.89
N LEU A 272 34.52 30.98 -13.53
CA LEU A 272 34.86 31.02 -14.95
C LEU A 272 33.68 31.45 -15.81
N GLU A 273 32.50 30.88 -15.52
CA GLU A 273 31.32 31.21 -16.31
C GLU A 273 30.86 32.64 -16.01
N GLN A 274 31.02 33.09 -14.77
CA GLN A 274 30.60 34.45 -14.41
C GLN A 274 31.53 35.48 -15.04
N SER A 275 32.77 35.07 -15.31
CA SER A 275 33.75 35.97 -15.92
C SER A 275 33.69 35.87 -17.44
N ILE B 9 -1.69 -21.84 -13.00
CA ILE B 9 -3.15 -22.03 -12.95
C ILE B 9 -3.73 -21.32 -11.73
N ILE B 10 -4.99 -20.89 -11.86
CA ILE B 10 -5.63 -20.10 -10.81
C ILE B 10 -5.80 -20.88 -9.50
N CYS B 11 -5.92 -22.20 -9.61
N CYS B 11 -5.94 -22.19 -9.58
CA CYS B 11 -6.17 -23.06 -8.47
CA CYS B 11 -6.23 -22.95 -8.36
C CYS B 11 -5.04 -23.02 -7.44
C CYS B 11 -5.03 -23.06 -7.43
N ARG B 12 -3.85 -22.65 -7.91
CA ARG B 12 -2.68 -22.62 -7.04
C ARG B 12 -2.78 -21.47 -6.05
N ASP B 13 -3.37 -20.38 -6.50
CA ASP B 13 -3.48 -19.17 -5.69
C ASP B 13 -4.48 -18.21 -6.34
N VAL B 14 -5.69 -18.16 -5.81
CA VAL B 14 -6.69 -17.29 -6.43
C VAL B 14 -6.30 -15.81 -6.30
N ALA B 15 -5.35 -15.52 -5.41
CA ALA B 15 -4.92 -14.13 -5.20
C ALA B 15 -3.82 -13.70 -6.17
N ARG B 16 -3.37 -14.62 -7.02
CA ARG B 16 -2.32 -14.33 -8.01
C ARG B 16 -1.09 -13.72 -7.37
N GLY B 17 -0.73 -14.16 -6.18
CA GLY B 17 0.44 -13.66 -5.49
C GLY B 17 0.31 -12.32 -4.76
N TYR B 18 -0.89 -11.76 -4.70
CA TYR B 18 -1.06 -10.45 -4.09
C TYR B 18 -1.16 -10.47 -2.57
N GLU B 19 -1.43 -11.62 -1.97
CA GLU B 19 -1.43 -11.71 -0.51
C GLU B 19 -0.07 -12.18 0.01
N ASN B 20 0.11 -12.13 1.33
CA ASN B 20 1.37 -12.60 1.94
C ASN B 20 1.56 -14.10 1.70
N VAL B 21 0.44 -14.80 1.55
CA VAL B 21 0.44 -16.24 1.34
C VAL B 21 -0.47 -16.59 0.17
N PRO B 22 -0.23 -17.74 -0.45
CA PRO B 22 -1.13 -18.19 -1.51
C PRO B 22 -2.46 -18.64 -0.92
N ILE B 23 -3.51 -18.59 -1.73
CA ILE B 23 -4.82 -19.09 -1.29
C ILE B 23 -5.33 -20.01 -2.38
N PRO B 24 -5.06 -21.32 -2.22
CA PRO B 24 -5.44 -22.29 -3.23
C PRO B 24 -6.94 -22.53 -3.29
N CYS B 25 -7.37 -23.13 -4.39
CA CYS B 25 -8.79 -23.45 -4.58
C CYS B 25 -8.92 -24.93 -4.90
N VAL B 26 -9.81 -25.62 -4.21
CA VAL B 26 -10.11 -27.02 -4.51
C VAL B 26 -11.61 -27.23 -4.59
N ASN B 27 -12.02 -28.21 -5.40
CA ASN B 27 -13.42 -28.59 -5.48
C ASN B 27 -13.54 -30.11 -5.45
N GLY B 28 -14.07 -30.63 -4.33
CA GLY B 28 -14.27 -32.05 -4.19
C GLY B 28 -15.75 -32.42 -4.22
N VAL B 29 -16.57 -31.46 -4.62
CA VAL B 29 -18.02 -31.65 -4.61
C VAL B 29 -18.64 -31.81 -6.00
N ASP B 30 -18.25 -30.97 -6.95
CA ASP B 30 -18.79 -31.04 -8.30
C ASP B 30 -17.79 -30.57 -9.35
N GLY B 31 -18.27 -30.32 -10.56
CA GLY B 31 -17.40 -30.00 -11.68
C GLY B 31 -17.19 -28.51 -11.89
N GLU B 32 -17.78 -27.69 -11.03
CA GLU B 32 -17.67 -26.24 -11.13
C GLU B 32 -16.22 -25.80 -11.03
N PRO B 33 -15.70 -25.13 -12.07
CA PRO B 33 -14.31 -24.68 -11.98
C PRO B 33 -14.16 -23.53 -11.01
N CYS B 34 -12.95 -23.31 -10.51
CA CYS B 34 -12.69 -22.18 -9.61
C CYS B 34 -13.16 -20.87 -10.26
N PRO B 35 -13.88 -20.05 -9.48
CA PRO B 35 -14.58 -18.88 -10.00
C PRO B 35 -13.65 -17.84 -10.60
N GLU B 36 -13.97 -17.35 -11.79
CA GLU B 36 -13.18 -16.30 -12.41
C GLU B 36 -14.05 -15.16 -12.91
N ASP B 37 -15.27 -15.05 -12.37
CA ASP B 37 -16.21 -14.02 -12.79
C ASP B 37 -16.10 -12.75 -11.94
N TYR B 38 -14.93 -12.52 -11.39
CA TYR B 38 -14.64 -11.32 -10.61
C TYR B 38 -13.16 -11.02 -10.77
N LYS B 39 -12.76 -9.81 -10.41
CA LYS B 39 -11.35 -9.42 -10.41
C LYS B 39 -10.80 -9.48 -8.99
N TYR B 40 -9.79 -10.33 -8.74
CA TYR B 40 -9.20 -10.39 -7.40
C TYR B 40 -8.35 -9.14 -7.16
N ILE B 41 -8.67 -8.43 -6.08
CA ILE B 41 -7.85 -7.31 -5.63
C ILE B 41 -7.56 -7.46 -4.14
N SER B 42 -6.37 -7.07 -3.71
CA SER B 42 -5.96 -7.28 -2.33
C SER B 42 -6.26 -6.06 -1.44
N GLU B 43 -6.52 -4.91 -2.08
CA GLU B 43 -6.88 -3.69 -1.36
C GLU B 43 -8.09 -3.04 -2.02
N ASN B 44 -8.88 -2.32 -1.24
CA ASN B 44 -10.09 -1.70 -1.79
C ASN B 44 -9.81 -0.81 -3.00
N CYS B 45 -10.74 -0.81 -3.96
CA CYS B 45 -10.61 0.04 -5.14
C CYS B 45 -11.74 1.05 -5.23
N GLU B 46 -11.53 2.07 -6.06
CA GLU B 46 -12.54 3.07 -6.41
C GLU B 46 -12.87 2.97 -7.89
N THR B 47 -14.14 3.08 -8.24
CA THR B 47 -14.55 3.14 -9.65
C THR B 47 -15.21 4.47 -9.96
N SER B 48 -15.30 5.31 -8.93
CA SER B 48 -15.65 6.73 -9.06
C SER B 48 -14.92 7.45 -7.94
N THR B 49 -14.81 8.76 -8.04
CA THR B 49 -14.02 9.52 -7.06
C THR B 49 -14.64 9.51 -5.66
N MET B 50 -13.88 9.02 -4.68
CA MET B 50 -14.38 8.95 -3.30
C MET B 50 -13.89 10.11 -2.43
N ASN B 51 -12.82 10.77 -2.84
CA ASN B 51 -12.24 11.88 -2.09
C ASN B 51 -11.98 11.55 -0.61
N ILE B 52 -11.29 10.44 -0.38
CA ILE B 52 -10.89 10.09 0.97
C ILE B 52 -9.88 11.10 1.48
N ASP B 53 -10.07 11.59 2.71
CA ASP B 53 -9.12 12.52 3.30
C ASP B 53 -7.84 11.80 3.67
N ARG B 54 -6.75 12.13 2.98
CA ARG B 54 -5.45 11.48 3.22
C ARG B 54 -4.40 12.46 3.72
N ASN B 55 -4.86 13.58 4.27
CA ASN B 55 -3.94 14.58 4.80
C ASN B 55 -3.23 14.08 6.05
N ILE B 56 -1.91 13.91 5.97
CA ILE B 56 -1.16 13.31 7.08
C ILE B 56 -1.29 14.12 8.38
N THR B 57 -1.55 15.41 8.28
CA THR B 57 -1.60 16.25 9.48
C THR B 57 -2.94 16.11 10.20
N HIS B 58 -3.91 15.47 9.56
CA HIS B 58 -5.22 15.31 10.17
C HIS B 58 -5.28 14.05 11.05
N LEU B 59 -4.25 13.22 10.96
CA LEU B 59 -4.23 11.96 11.71
C LEU B 59 -3.99 12.11 13.20
N GLN B 60 -4.75 11.36 14.00
CA GLN B 60 -4.35 11.10 15.37
C GLN B 60 -3.15 10.18 15.29
N HIS B 61 -2.15 10.38 16.16
CA HIS B 61 -1.00 9.51 16.13
C HIS B 61 -0.29 9.50 17.48
N CYS B 62 0.57 8.51 17.69
CA CYS B 62 1.25 8.34 18.96
C CYS B 62 2.69 8.82 18.87
N THR B 63 3.32 8.96 20.04
CA THR B 63 4.67 9.45 20.16
C THR B 63 5.64 8.35 20.62
N CYS B 64 5.17 7.10 20.59
CA CYS B 64 6.02 5.95 20.93
C CYS B 64 7.22 5.84 20.01
N VAL B 65 8.35 5.38 20.55
CA VAL B 65 9.58 5.29 19.75
C VAL B 65 10.03 3.84 19.62
N ASP B 66 9.07 2.93 19.84
CA ASP B 66 9.37 1.51 19.89
C ASP B 66 8.26 0.66 19.25
N ASP B 67 7.88 -0.41 19.94
CA ASP B 67 6.81 -1.34 19.51
C ASP B 67 5.42 -1.04 20.09
N CYS B 68 5.26 0.14 20.68
CA CYS B 68 3.97 0.56 21.25
C CYS B 68 3.43 -0.42 22.29
N SER B 69 4.33 -1.01 23.07
CA SER B 69 3.93 -1.89 24.16
C SER B 69 3.66 -1.13 25.46
N SER B 70 4.06 0.14 25.50
CA SER B 70 3.85 0.95 26.71
C SER B 70 2.39 1.31 26.91
N SER B 71 2.09 1.91 28.05
CA SER B 71 0.71 2.28 28.40
C SER B 71 0.32 3.62 27.79
N ASN B 72 1.32 4.37 27.34
CA ASN B 72 1.07 5.75 26.93
C ASN B 72 0.87 5.91 25.42
N CYS B 73 0.62 4.80 24.73
CA CYS B 73 0.34 4.85 23.29
C CYS B 73 -1.04 5.42 23.02
N LEU B 74 -1.07 6.62 22.45
CA LEU B 74 -2.32 7.32 22.13
C LEU B 74 -3.24 6.52 21.23
N CYS B 75 -2.66 5.87 20.21
CA CYS B 75 -3.47 5.11 19.26
C CYS B 75 -4.26 4.01 19.96
N GLY B 76 -3.63 3.35 20.93
CA GLY B 76 -4.33 2.38 21.76
C GLY B 76 -5.43 3.05 22.56
N GLN B 77 -5.15 4.24 23.09
CA GLN B 77 -6.14 4.93 23.92
C GLN B 77 -7.37 5.38 23.12
N LEU B 78 -7.19 5.60 21.82
CA LEU B 78 -8.32 5.90 20.95
C LEU B 78 -9.33 4.76 20.96
N SER B 79 -8.82 3.55 20.87
CA SER B 79 -9.64 2.36 20.87
C SER B 79 -10.05 1.99 22.29
N ILE B 80 -10.09 3.00 23.15
CA ILE B 80 -10.21 2.86 24.61
C ILE B 80 -8.92 2.25 25.17
N ARG B 81 -8.50 1.12 24.60
CA ARG B 81 -7.19 0.53 24.86
C ARG B 81 -6.74 -0.22 23.60
N CYS B 82 -5.45 -0.50 23.46
CA CYS B 82 -5.03 -1.36 22.34
C CYS B 82 -5.58 -2.75 22.62
N TRP B 83 -6.41 -3.25 21.71
CA TRP B 83 -7.09 -4.51 21.92
C TRP B 83 -6.24 -5.69 21.49
N TYR B 84 -5.03 -5.41 21.04
CA TYR B 84 -4.12 -6.48 20.62
C TYR B 84 -3.22 -6.91 21.76
N ASP B 85 -3.03 -8.21 21.94
CA ASP B 85 -2.00 -8.68 22.86
C ASP B 85 -0.65 -8.73 22.16
N LYS B 86 0.34 -9.29 22.84
CA LYS B 86 1.70 -9.33 22.31
C LYS B 86 1.81 -10.18 21.04
N ASP B 87 0.84 -11.07 20.84
CA ASP B 87 0.86 -12.00 19.71
C ASP B 87 0.04 -11.50 18.52
N GLY B 88 -0.52 -10.30 18.66
CA GLY B 88 -1.33 -9.73 17.59
C GLY B 88 -2.77 -10.19 17.63
N ARG B 89 -3.20 -10.77 18.76
CA ARG B 89 -4.58 -11.23 18.87
C ARG B 89 -5.44 -10.29 19.72
N LEU B 90 -6.70 -10.17 19.33
CA LEU B 90 -7.70 -9.46 20.14
C LEU B 90 -7.81 -10.05 21.54
N LEU B 91 -7.90 -9.19 22.55
CA LEU B 91 -7.93 -9.63 23.94
C LEU B 91 -9.21 -10.41 24.27
N PRO B 99 -18.28 -4.74 18.76
CA PRO B 99 -16.84 -4.43 18.69
C PRO B 99 -16.58 -2.94 18.56
N PRO B 100 -15.56 -2.43 19.27
CA PRO B 100 -15.22 -1.02 19.11
C PRO B 100 -14.50 -0.77 17.79
N LEU B 101 -14.26 0.50 17.49
CA LEU B 101 -13.39 0.87 16.40
C LEU B 101 -11.94 0.63 16.79
N ILE B 102 -11.15 0.03 15.89
CA ILE B 102 -9.71 -0.06 16.14
C ILE B 102 -8.98 1.00 15.33
N PHE B 103 -8.14 1.79 16.01
CA PHE B 103 -7.24 2.73 15.33
C PHE B 103 -5.83 2.16 15.40
N GLU B 104 -5.35 1.60 14.29
CA GLU B 104 -3.97 1.15 14.20
C GLU B 104 -3.02 2.32 14.03
N CYS B 105 -1.74 2.08 14.29
CA CYS B 105 -0.76 3.13 14.08
C CYS B 105 -0.61 3.41 12.59
N ASN B 106 0.00 4.54 12.28
CA ASN B 106 0.00 5.03 10.91
C ASN B 106 1.31 5.74 10.63
N GLN B 107 1.43 6.36 9.45
CA GLN B 107 2.70 6.95 9.04
C GLN B 107 3.06 8.19 9.85
N ALA B 108 2.08 8.78 10.53
CA ALA B 108 2.37 9.94 11.37
C ALA B 108 2.92 9.56 12.75
N CYS B 109 2.68 8.33 13.19
CA CYS B 109 3.20 7.86 14.48
C CYS B 109 4.72 7.78 14.44
N SER B 110 5.38 7.93 15.60
CA SER B 110 6.83 7.87 15.64
C SER B 110 7.34 6.46 15.88
N CYS B 111 6.43 5.50 16.00
CA CYS B 111 6.81 4.13 16.33
C CYS B 111 7.37 3.37 15.13
N TRP B 112 7.84 2.15 15.39
CA TRP B 112 8.35 1.25 14.36
C TRP B 112 7.22 0.56 13.60
N ARG B 113 7.51 0.16 12.36
CA ARG B 113 6.54 -0.50 11.49
C ARG B 113 6.06 -1.83 12.07
N ASN B 114 6.88 -2.47 12.90
CA ASN B 114 6.46 -3.75 13.47
C ASN B 114 5.94 -3.59 14.89
N CYS B 115 5.36 -2.43 15.20
CA CYS B 115 4.83 -2.21 16.54
C CYS B 115 3.62 -3.11 16.79
N LYS B 116 3.16 -3.18 18.03
CA LYS B 116 2.08 -4.11 18.39
C LYS B 116 0.71 -3.70 17.88
N ASN B 117 0.62 -2.51 17.30
CA ASN B 117 -0.67 -1.93 16.89
C ASN B 117 -0.80 -1.81 15.36
N ARG B 118 -0.35 -2.84 14.63
CA ARG B 118 -0.37 -2.82 13.17
C ARG B 118 -0.79 -4.17 12.56
N VAL B 119 -1.70 -4.85 13.26
CA VAL B 119 -2.07 -6.20 12.87
C VAL B 119 -2.73 -6.28 11.50
N VAL B 120 -3.82 -5.54 11.33
CA VAL B 120 -4.58 -5.65 10.09
C VAL B 120 -3.78 -5.12 8.91
N GLN B 121 -3.01 -4.05 9.10
CA GLN B 121 -2.31 -3.47 7.97
C GLN B 121 -1.15 -4.37 7.52
N SER B 122 -0.80 -5.35 8.35
CA SER B 122 0.27 -6.31 8.01
C SER B 122 -0.22 -7.47 7.13
N GLY B 123 -1.53 -7.57 6.92
CA GLY B 123 -2.06 -8.56 5.97
C GLY B 123 -2.30 -9.97 6.49
N ILE B 124 -2.63 -10.86 5.56
CA ILE B 124 -3.01 -12.23 5.88
C ILE B 124 -1.80 -13.02 6.34
N LYS B 125 -1.93 -13.74 7.45
CA LYS B 125 -0.82 -14.54 7.96
C LYS B 125 -1.19 -16.01 8.13
N VAL B 126 -2.47 -16.32 8.13
CA VAL B 126 -2.87 -17.72 8.29
C VAL B 126 -3.22 -18.35 6.94
N ARG B 127 -3.06 -19.67 6.83
CA ARG B 127 -3.33 -20.36 5.56
C ARG B 127 -4.81 -20.64 5.43
N LEU B 128 -5.38 -20.22 4.29
CA LEU B 128 -6.80 -20.36 3.99
C LEU B 128 -6.96 -21.13 2.69
N GLN B 129 -8.15 -21.69 2.46
CA GLN B 129 -8.42 -22.36 1.21
C GLN B 129 -9.82 -22.00 0.72
N LEU B 130 -9.93 -21.65 -0.55
CA LEU B 130 -11.21 -21.54 -1.25
C LEU B 130 -11.65 -22.96 -1.61
N TYR B 131 -12.85 -23.36 -1.23
CA TYR B 131 -13.27 -24.73 -1.53
C TYR B 131 -14.77 -24.78 -1.82
N ARG B 132 -15.20 -25.88 -2.41
CA ARG B 132 -16.60 -26.03 -2.77
C ARG B 132 -17.36 -26.67 -1.63
N THR B 133 -18.39 -25.99 -1.13
CA THR B 133 -19.19 -26.50 -0.03
C THR B 133 -20.31 -27.38 -0.58
N ALA B 134 -20.96 -28.10 0.33
CA ALA B 134 -22.07 -28.99 -0.05
C ALA B 134 -23.30 -28.21 -0.52
N LYS B 135 -23.64 -27.16 0.20
CA LYS B 135 -24.93 -26.50 0.00
C LYS B 135 -24.86 -24.97 -0.13
N MET B 136 -23.69 -24.38 0.03
CA MET B 136 -23.58 -22.92 0.03
C MET B 136 -22.64 -22.37 -1.05
N GLY B 137 -22.43 -23.12 -2.13
CA GLY B 137 -21.55 -22.66 -3.17
C GLY B 137 -20.11 -22.72 -2.69
N TRP B 138 -19.30 -21.73 -3.07
CA TRP B 138 -17.92 -21.67 -2.62
C TRP B 138 -17.87 -21.16 -1.19
N GLY B 139 -16.83 -21.54 -0.45
CA GLY B 139 -16.66 -21.13 0.93
C GLY B 139 -15.18 -21.07 1.24
N VAL B 140 -14.83 -20.63 2.45
CA VAL B 140 -13.42 -20.52 2.83
C VAL B 140 -13.16 -21.32 4.10
N ARG B 141 -12.08 -22.10 4.13
CA ARG B 141 -11.76 -22.85 5.34
C ARG B 141 -10.31 -22.69 5.76
N ALA B 142 -10.05 -23.01 7.02
CA ALA B 142 -8.71 -22.88 7.59
C ALA B 142 -7.82 -24.07 7.22
N LEU B 143 -6.56 -23.80 6.86
CA LEU B 143 -5.59 -24.87 6.60
C LEU B 143 -4.55 -24.96 7.72
N GLN B 144 -4.82 -24.25 8.82
CA GLN B 144 -4.05 -24.38 10.04
C GLN B 144 -4.96 -23.96 11.19
N THR B 145 -4.60 -24.31 12.42
CA THR B 145 -5.38 -23.87 13.58
C THR B 145 -5.28 -22.36 13.70
N ILE B 146 -6.42 -21.73 14.04
CA ILE B 146 -6.49 -20.29 14.21
C ILE B 146 -6.97 -20.00 15.62
N PRO B 147 -6.05 -19.60 16.51
CA PRO B 147 -6.45 -19.27 17.89
C PRO B 147 -7.44 -18.11 17.92
N GLN B 148 -8.32 -18.13 18.91
CA GLN B 148 -9.25 -17.04 19.16
C GLN B 148 -8.56 -15.67 19.09
N GLY B 149 -9.21 -14.73 18.41
CA GLY B 149 -8.72 -13.35 18.36
C GLY B 149 -7.76 -13.05 17.23
N THR B 150 -7.47 -14.06 16.41
CA THR B 150 -6.49 -13.88 15.33
C THR B 150 -7.09 -13.14 14.14
N PHE B 151 -6.35 -12.18 13.61
CA PHE B 151 -6.75 -11.55 12.34
C PHE B 151 -6.73 -12.55 11.22
N ILE B 152 -7.78 -12.58 10.41
CA ILE B 152 -7.83 -13.55 9.32
C ILE B 152 -7.68 -12.91 7.95
N CYS B 153 -8.60 -12.02 7.60
CA CYS B 153 -8.50 -11.31 6.34
C CYS B 153 -9.42 -10.09 6.41
N GLU B 154 -9.27 -9.21 5.43
CA GLU B 154 -10.07 -7.99 5.34
C GLU B 154 -11.17 -8.16 4.29
N TYR B 155 -12.33 -7.57 4.51
CA TYR B 155 -13.36 -7.59 3.47
C TYR B 155 -13.03 -6.49 2.47
N VAL B 156 -12.55 -6.90 1.30
CA VAL B 156 -12.04 -5.98 0.29
C VAL B 156 -12.90 -5.99 -0.97
N GLY B 157 -13.13 -4.82 -1.53
CA GLY B 157 -13.86 -4.74 -2.78
C GLY B 157 -13.92 -3.32 -3.29
N GLU B 158 -15.00 -3.04 -4.00
CA GLU B 158 -15.21 -1.77 -4.65
C GLU B 158 -15.97 -0.82 -3.72
N LEU B 159 -15.41 0.36 -3.46
CA LEU B 159 -16.07 1.36 -2.61
C LEU B 159 -17.19 2.04 -3.39
N ILE B 160 -18.40 1.99 -2.85
CA ILE B 160 -19.53 2.66 -3.50
C ILE B 160 -20.40 3.39 -2.48
N SER B 161 -21.20 4.32 -2.98
CA SER B 161 -22.12 5.03 -2.11
C SER B 161 -23.31 4.15 -1.75
N ASP B 162 -23.95 4.48 -0.65
CA ASP B 162 -25.18 3.82 -0.23
C ASP B 162 -26.19 3.82 -1.38
N ALA B 163 -26.29 4.94 -2.09
CA ALA B 163 -27.25 5.08 -3.18
C ALA B 163 -26.92 4.15 -4.34
N GLU B 164 -25.64 4.06 -4.67
CA GLU B 164 -25.20 3.15 -5.73
C GLU B 164 -25.44 1.70 -5.30
N ALA B 165 -25.22 1.39 -4.03
CA ALA B 165 -25.43 0.03 -3.56
C ALA B 165 -26.90 -0.39 -3.67
N ASP B 166 -27.80 0.57 -3.55
CA ASP B 166 -29.24 0.31 -3.64
C ASP B 166 -29.70 -0.04 -5.04
N VAL B 167 -28.87 0.22 -6.06
CA VAL B 167 -29.25 -0.14 -7.43
C VAL B 167 -28.36 -1.21 -8.05
N ARG B 168 -27.45 -1.78 -7.26
CA ARG B 168 -26.65 -2.90 -7.75
C ARG B 168 -27.56 -4.13 -7.96
N GLU B 169 -27.49 -4.71 -9.16
CA GLU B 169 -28.35 -5.84 -9.51
C GLU B 169 -28.06 -7.09 -8.68
N ASP B 170 -26.78 -7.32 -8.41
CA ASP B 170 -26.38 -8.45 -7.59
C ASP B 170 -26.06 -7.94 -6.19
N ASP B 171 -26.84 -8.36 -5.20
CA ASP B 171 -26.64 -7.89 -3.84
C ASP B 171 -26.22 -9.00 -2.90
N SER B 172 -25.34 -9.88 -3.38
CA SER B 172 -24.84 -10.98 -2.57
C SER B 172 -23.48 -10.66 -1.95
N TYR B 173 -22.88 -9.52 -2.32
CA TYR B 173 -21.54 -9.17 -1.84
C TYR B 173 -21.42 -7.73 -1.34
N LEU B 174 -22.53 -7.16 -0.88
CA LEU B 174 -22.54 -5.79 -0.35
C LEU B 174 -22.32 -5.76 1.15
N PHE B 175 -21.27 -5.07 1.61
CA PHE B 175 -21.00 -4.90 3.02
C PHE B 175 -21.08 -3.41 3.42
N ASP B 176 -22.08 -3.03 4.20
CA ASP B 176 -22.23 -1.64 4.64
C ASP B 176 -21.13 -1.20 5.62
N LEU B 177 -20.52 -0.04 5.38
CA LEU B 177 -19.46 0.42 6.28
C LEU B 177 -20.00 1.12 7.50
N ASP B 178 -21.26 1.53 7.44
CA ASP B 178 -21.89 2.29 8.50
C ASP B 178 -23.37 1.95 8.47
N ASN B 179 -24.00 1.88 9.63
CA ASN B 179 -25.40 1.46 9.70
C ASN B 179 -26.37 2.63 9.80
N LYS B 180 -25.83 3.85 9.86
CA LYS B 180 -26.70 5.03 9.96
C LYS B 180 -27.26 5.47 8.61
N ASP B 181 -28.04 6.54 8.61
CA ASP B 181 -28.51 7.15 7.37
C ASP B 181 -27.53 8.19 6.92
N GLY B 182 -27.84 8.85 5.80
CA GLY B 182 -27.01 9.94 5.32
C GLY B 182 -25.86 9.50 4.43
N GLU B 183 -24.75 10.22 4.49
CA GLU B 183 -23.64 9.92 3.60
C GLU B 183 -22.86 8.73 4.12
N VAL B 184 -23.29 7.54 3.75
CA VAL B 184 -22.58 6.33 4.15
C VAL B 184 -22.14 5.56 2.91
N TYR B 185 -21.20 4.64 3.10
CA TYR B 185 -20.60 3.94 1.97
C TYR B 185 -20.65 2.45 2.17
N CYS B 186 -20.31 1.71 1.12
CA CYS B 186 -20.51 0.28 1.09
C CYS B 186 -19.36 -0.33 0.31
N ILE B 187 -18.98 -1.57 0.64
CA ILE B 187 -18.02 -2.28 -0.20
C ILE B 187 -18.74 -3.34 -0.99
N ASP B 188 -18.68 -3.24 -2.31
CA ASP B 188 -19.26 -4.28 -3.17
C ASP B 188 -18.14 -5.18 -3.65
N ALA B 189 -18.16 -6.45 -3.24
CA ALA B 189 -17.11 -7.37 -3.66
C ALA B 189 -17.55 -8.21 -4.88
N ARG B 190 -18.66 -7.84 -5.52
CA ARG B 190 -19.13 -8.67 -6.64
C ARG B 190 -18.18 -8.66 -7.84
N TYR B 191 -17.74 -7.49 -8.27
CA TYR B 191 -16.92 -7.37 -9.47
C TYR B 191 -15.44 -7.29 -9.17
N TYR B 192 -15.10 -6.69 -8.03
CA TYR B 192 -13.73 -6.59 -7.51
C TYR B 192 -13.77 -7.04 -6.07
N GLY B 193 -12.96 -8.03 -5.69
CA GLY B 193 -13.00 -8.50 -4.32
C GLY B 193 -11.78 -9.36 -4.00
N ASN B 194 -11.59 -9.66 -2.72
CA ASN B 194 -10.54 -10.61 -2.32
C ASN B 194 -11.17 -11.89 -1.79
N ILE B 195 -10.40 -12.69 -1.07
CA ILE B 195 -10.89 -13.97 -0.58
C ILE B 195 -12.16 -13.86 0.30
N SER B 196 -12.35 -12.71 0.95
N SER B 196 -12.33 -12.73 0.96
CA SER B 196 -13.46 -12.55 1.89
CA SER B 196 -13.45 -12.54 1.88
C SER B 196 -14.82 -12.63 1.20
C SER B 196 -14.81 -12.62 1.20
N ARG B 197 -14.86 -12.35 -0.10
CA ARG B 197 -16.11 -12.41 -0.84
C ARG B 197 -16.68 -13.82 -0.85
N PHE B 198 -15.84 -14.82 -0.55
CA PHE B 198 -16.31 -16.19 -0.51
C PHE B 198 -16.69 -16.70 0.89
N ILE B 199 -16.60 -15.84 1.89
CA ILE B 199 -16.92 -16.27 3.24
C ILE B 199 -18.44 -16.30 3.44
N ASN B 200 -18.95 -17.46 3.82
CA ASN B 200 -20.38 -17.65 3.97
C ASN B 200 -20.93 -17.17 5.31
N HIS B 201 -22.25 -17.14 5.42
CA HIS B 201 -22.93 -16.79 6.64
C HIS B 201 -23.11 -18.00 7.57
N LEU B 202 -22.82 -17.82 8.86
CA LEU B 202 -23.10 -18.85 9.86
C LEU B 202 -23.90 -18.23 11.01
N CYS B 203 -24.98 -18.87 11.41
CA CYS B 203 -25.76 -18.39 12.55
C CYS B 203 -25.03 -18.65 13.86
N ASP B 204 -24.10 -19.59 13.82
CA ASP B 204 -23.15 -19.82 14.90
C ASP B 204 -21.74 -19.49 14.39
N PRO B 205 -21.44 -18.21 14.23
CA PRO B 205 -20.22 -17.83 13.50
C PRO B 205 -18.94 -18.08 14.29
N ASN B 206 -17.81 -18.14 13.58
CA ASN B 206 -16.54 -18.27 14.26
C ASN B 206 -15.61 -17.11 13.95
N ILE B 207 -16.09 -16.15 13.18
CA ILE B 207 -15.34 -14.90 12.98
C ILE B 207 -16.25 -13.69 13.12
N ILE B 208 -15.67 -12.53 13.40
CA ILE B 208 -16.45 -11.30 13.54
C ILE B 208 -15.79 -10.17 12.75
N PRO B 209 -16.62 -9.34 12.10
CA PRO B 209 -16.07 -8.17 11.42
C PRO B 209 -15.89 -7.00 12.37
N VAL B 210 -14.77 -6.30 12.21
CA VAL B 210 -14.44 -5.16 13.05
C VAL B 210 -14.02 -4.00 12.16
N ARG B 211 -14.47 -2.78 12.48
CA ARG B 211 -14.06 -1.60 11.71
C ARG B 211 -12.70 -1.10 12.18
N VAL B 212 -11.83 -0.78 11.23
CA VAL B 212 -10.43 -0.47 11.54
C VAL B 212 -9.96 0.70 10.71
N PHE B 213 -9.14 1.56 11.31
CA PHE B 213 -8.46 2.61 10.58
C PHE B 213 -6.97 2.40 10.62
N MET B 214 -6.34 2.63 9.47
CA MET B 214 -4.91 2.39 9.32
C MET B 214 -4.23 3.63 8.75
N LEU B 215 -4.02 3.69 7.44
CA LEU B 215 -3.22 4.78 6.87
C LEU B 215 -3.98 6.11 6.84
N HIS B 216 -5.30 6.06 6.78
CA HIS B 216 -6.10 7.28 6.87
C HIS B 216 -7.09 7.12 8.00
N GLN B 217 -7.67 8.23 8.44
CA GLN B 217 -8.74 8.17 9.45
C GLN B 217 -9.97 8.91 8.97
N ASP B 218 -10.26 8.78 7.69
CA ASP B 218 -11.49 9.34 7.15
C ASP B 218 -12.61 8.42 7.64
N LEU B 219 -13.38 8.87 8.62
CA LEU B 219 -14.29 7.98 9.31
C LEU B 219 -15.50 7.53 8.47
N ARG B 220 -15.64 8.11 7.27
CA ARG B 220 -16.65 7.62 6.34
C ARG B 220 -16.22 6.28 5.76
N PHE B 221 -14.93 5.97 5.87
CA PHE B 221 -14.35 4.82 5.16
C PHE B 221 -13.56 3.88 6.07
N PRO B 222 -14.23 3.28 7.06
CA PRO B 222 -13.55 2.24 7.83
C PRO B 222 -13.22 1.08 6.92
N ARG B 223 -12.20 0.31 7.29
CA ARG B 223 -11.93 -0.94 6.59
C ARG B 223 -12.43 -2.08 7.47
N ILE B 224 -12.85 -3.18 6.85
CA ILE B 224 -13.54 -4.25 7.58
C ILE B 224 -12.59 -5.43 7.78
N ALA B 225 -12.26 -5.72 9.03
CA ALA B 225 -11.31 -6.78 9.34
C ALA B 225 -11.99 -7.94 10.05
N PHE B 226 -11.76 -9.16 9.58
CA PHE B 226 -12.29 -10.34 10.26
C PHE B 226 -11.30 -10.94 11.25
N PHE B 227 -11.76 -11.13 12.49
CA PHE B 227 -10.99 -11.82 13.52
C PHE B 227 -11.72 -13.06 13.98
N SER B 228 -10.99 -14.13 14.33
CA SER B 228 -11.68 -15.31 14.87
C SER B 228 -12.29 -14.99 16.23
N SER B 229 -13.48 -15.52 16.48
CA SER B 229 -14.18 -15.26 17.74
C SER B 229 -13.96 -16.40 18.73
N ARG B 230 -13.36 -17.48 18.24
N ARG B 230 -13.35 -17.47 18.23
CA ARG B 230 -13.04 -18.66 19.04
CA ARG B 230 -13.01 -18.65 19.03
C ARG B 230 -11.93 -19.41 18.34
C ARG B 230 -11.82 -19.34 18.38
N ASP B 231 -11.32 -20.38 19.02
CA ASP B 231 -10.31 -21.22 18.40
C ASP B 231 -10.96 -21.93 17.21
N ILE B 232 -10.33 -21.85 16.05
CA ILE B 232 -10.82 -22.50 14.85
C ILE B 232 -9.87 -23.64 14.48
N ARG B 233 -10.43 -24.81 14.19
CA ARG B 233 -9.63 -25.99 13.88
C ARG B 233 -9.30 -26.07 12.40
N THR B 234 -8.19 -26.72 12.06
CA THR B 234 -7.84 -26.92 10.66
C THR B 234 -8.99 -27.62 9.94
N GLY B 235 -9.40 -27.09 8.79
CA GLY B 235 -10.47 -27.68 8.03
C GLY B 235 -11.85 -27.08 8.27
N GLU B 236 -11.99 -26.32 9.35
CA GLU B 236 -13.26 -25.69 9.64
C GLU B 236 -13.59 -24.58 8.64
N GLU B 237 -14.85 -24.51 8.23
CA GLU B 237 -15.29 -23.39 7.39
C GLU B 237 -15.39 -22.11 8.21
N LEU B 238 -14.89 -21.01 7.66
CA LEU B 238 -15.05 -19.69 8.26
C LEU B 238 -16.42 -19.11 7.94
N GLY B 239 -17.02 -18.42 8.89
CA GLY B 239 -18.27 -17.75 8.63
C GLY B 239 -18.60 -16.70 9.66
N PHE B 240 -19.27 -15.63 9.24
CA PHE B 240 -19.75 -14.61 10.17
C PHE B 240 -21.25 -14.44 10.02
N ASP B 241 -21.84 -13.73 10.97
CA ASP B 241 -23.26 -13.42 10.95
C ASP B 241 -23.48 -12.21 10.05
N TYR B 242 -24.05 -12.43 8.87
CA TYR B 242 -24.25 -11.36 7.90
C TYR B 242 -25.16 -10.28 8.44
N GLY B 243 -26.11 -10.67 9.28
CA GLY B 243 -26.98 -9.70 9.94
C GLY B 243 -28.34 -9.60 9.26
N ASP B 244 -29.28 -8.98 9.95
CA ASP B 244 -30.65 -8.92 9.45
C ASP B 244 -30.82 -8.01 8.23
N ARG B 245 -29.95 -7.03 8.05
CA ARG B 245 -30.03 -6.19 6.86
C ARG B 245 -29.67 -6.97 5.60
N PHE B 246 -29.13 -8.16 5.79
CA PHE B 246 -28.92 -9.08 4.68
C PHE B 246 -30.14 -10.02 4.56
N TRP B 247 -30.46 -10.69 5.66
CA TRP B 247 -31.45 -11.76 5.60
C TRP B 247 -32.88 -11.26 5.47
N ASP B 248 -33.17 -10.04 5.93
CA ASP B 248 -34.52 -9.49 5.75
C ASP B 248 -34.88 -9.45 4.27
N ILE B 249 -33.88 -9.22 3.42
CA ILE B 249 -34.10 -9.19 1.98
C ILE B 249 -33.90 -10.58 1.36
N LYS B 250 -32.80 -11.25 1.71
CA LYS B 250 -32.45 -12.48 1.02
C LYS B 250 -33.35 -13.65 1.35
N SER B 251 -33.97 -13.64 2.53
CA SER B 251 -34.82 -14.76 2.94
C SER B 251 -36.03 -14.94 2.03
N LYS B 252 -36.33 -13.92 1.22
CA LYS B 252 -37.40 -14.03 0.24
C LYS B 252 -36.96 -14.89 -0.93
N TYR B 253 -35.65 -15.10 -1.06
CA TYR B 253 -35.11 -15.81 -2.21
C TYR B 253 -34.48 -17.16 -1.88
N PHE B 254 -33.92 -17.28 -0.68
CA PHE B 254 -33.37 -18.56 -0.25
C PHE B 254 -33.28 -18.63 1.27
N THR B 255 -32.93 -19.80 1.78
CA THR B 255 -32.96 -20.05 3.21
C THR B 255 -31.56 -20.40 3.69
N CYS B 256 -31.31 -20.23 4.99
CA CYS B 256 -29.97 -20.50 5.52
C CYS B 256 -29.67 -21.99 5.59
N GLN B 257 -28.50 -22.37 5.09
CA GLN B 257 -28.08 -23.75 5.03
C GLN B 257 -26.97 -24.06 6.03
N CYS B 258 -26.79 -23.21 7.04
CA CYS B 258 -25.67 -23.41 7.96
C CYS B 258 -25.85 -24.69 8.78
N GLY B 259 -27.10 -25.13 8.91
CA GLY B 259 -27.37 -26.39 9.57
C GLY B 259 -27.19 -26.42 11.07
N SER B 260 -27.04 -25.25 11.68
CA SER B 260 -26.88 -25.17 13.11
C SER B 260 -28.19 -25.30 13.85
N GLU B 261 -28.11 -25.80 15.06
CA GLU B 261 -29.27 -25.95 15.92
C GLU B 261 -29.70 -24.54 16.35
N LYS B 262 -28.78 -23.60 16.27
CA LYS B 262 -29.08 -22.21 16.59
C LYS B 262 -29.45 -21.39 15.37
N CYS B 263 -29.72 -22.04 14.24
CA CYS B 263 -30.00 -21.30 13.01
C CYS B 263 -31.21 -20.38 13.17
N LYS B 264 -31.04 -19.14 12.73
CA LYS B 264 -32.03 -18.09 12.89
C LYS B 264 -32.75 -17.79 11.60
N HIS B 265 -32.30 -18.42 10.51
CA HIS B 265 -32.83 -18.10 9.20
C HIS B 265 -33.15 -19.37 8.44
N SER B 266 -33.61 -20.38 9.19
CA SER B 266 -33.95 -21.68 8.64
C SER B 266 -35.20 -21.60 7.75
N ALA B 267 -35.33 -22.54 6.81
CA ALA B 267 -36.53 -22.62 5.99
C ALA B 267 -37.78 -22.65 6.86
N GLU B 268 -37.70 -23.37 7.97
CA GLU B 268 -38.82 -23.46 8.91
C GLU B 268 -39.27 -22.08 9.39
N ALA B 269 -38.30 -21.30 9.88
CA ALA B 269 -38.58 -19.99 10.44
C ALA B 269 -39.11 -19.06 9.36
N ILE B 270 -38.48 -19.11 8.19
CA ILE B 270 -38.81 -18.23 7.08
C ILE B 270 -40.20 -18.49 6.51
N ALA B 271 -40.49 -19.77 6.22
CA ALA B 271 -41.77 -20.12 5.61
C ALA B 271 -42.91 -19.69 6.52
N LEU B 272 -42.79 -20.03 7.81
CA LEU B 272 -43.88 -19.77 8.73
C LEU B 272 -44.05 -18.26 8.98
N GLU B 273 -42.94 -17.53 9.02
CA GLU B 273 -43.03 -16.07 9.21
C GLU B 273 -43.67 -15.41 7.98
N GLN B 274 -43.31 -15.89 6.79
CA GLN B 274 -43.89 -15.34 5.57
C GLN B 274 -45.39 -15.59 5.52
N SER B 275 -45.83 -16.71 6.08
CA SER B 275 -47.25 -17.02 6.08
C SER B 275 -48.02 -16.14 7.06
N ARG B 276 -47.38 -15.79 8.17
CA ARG B 276 -47.98 -14.86 9.13
C ARG B 276 -48.22 -13.50 8.49
N LEU B 277 -47.24 -13.03 7.72
CA LEU B 277 -47.38 -11.79 6.97
C LEU B 277 -48.50 -11.90 5.93
N ALA B 278 -48.55 -13.04 5.26
CA ALA B 278 -49.51 -13.26 4.18
C ALA B 278 -50.95 -13.20 4.66
N ARG B 279 -51.16 -13.51 5.93
CA ARG B 279 -52.51 -13.58 6.49
C ARG B 279 -53.08 -12.21 6.86
N LEU B 280 -52.29 -11.17 6.71
CA LEU B 280 -52.74 -9.82 7.04
C LEU B 280 -53.38 -9.17 5.82
N THR C 3 12.15 29.75 -15.29
CA THR C 3 12.76 30.27 -14.07
C THR C 3 11.76 30.29 -12.92
N LYS C 4 12.14 29.66 -11.82
CA LYS C 4 11.29 29.60 -10.63
C LYS C 4 11.97 30.31 -9.47
N GLN C 5 11.25 30.50 -8.37
CA GLN C 5 11.82 31.18 -7.20
C GLN C 5 12.77 30.26 -6.43
N THR C 6 12.47 28.96 -6.47
CA THR C 6 13.19 28.00 -5.63
C THR C 6 13.90 26.94 -6.48
N ALA C 7 14.98 26.38 -5.93
CA ALA C 7 15.75 25.34 -6.60
C ALA C 7 14.95 24.05 -6.64
N ARG C 8 14.97 23.39 -7.79
CA ARG C 8 14.29 22.11 -7.95
C ARG C 8 15.22 21.07 -8.56
N MET C 9 15.31 19.90 -7.93
CA MET C 9 15.95 18.77 -8.57
C MET C 9 15.02 18.28 -9.68
N SER C 10 15.55 17.56 -10.66
CA SER C 10 14.72 17.15 -11.80
C SER C 10 15.27 15.91 -12.50
N THR C 11 14.40 15.22 -13.24
CA THR C 11 14.85 14.13 -14.11
C THR C 11 15.35 14.68 -15.43
N GLY C 12 16.15 13.90 -16.14
N THR D 3 -35.42 0.79 5.59
CA THR D 3 -35.43 -0.31 4.63
C THR D 3 -34.64 0.06 3.39
N LYS D 4 -33.66 -0.76 3.03
CA LYS D 4 -32.94 -0.52 1.80
C LYS D 4 -33.46 -1.43 0.70
N GLN D 5 -33.06 -1.15 -0.54
CA GLN D 5 -33.53 -1.91 -1.70
C GLN D 5 -32.76 -3.21 -1.85
N THR D 6 -31.48 -3.18 -1.44
CA THR D 6 -30.61 -4.33 -1.63
C THR D 6 -30.11 -4.89 -0.30
N ALA D 7 -29.81 -6.19 -0.28
CA ALA D 7 -29.27 -6.85 0.90
C ALA D 7 -27.89 -6.31 1.24
N ARG D 8 -27.65 -6.03 2.52
CA ARG D 8 -26.35 -5.55 2.98
C ARG D 8 -25.88 -6.38 4.17
N MET D 9 -24.64 -6.88 4.10
CA MET D 9 -23.99 -7.39 5.29
C MET D 9 -23.59 -6.18 6.13
N SER D 10 -23.43 -6.39 7.42
CA SER D 10 -23.11 -5.28 8.31
C SER D 10 -22.44 -5.77 9.59
N THR D 11 -21.78 -4.86 10.29
CA THR D 11 -21.20 -5.17 11.59
C THR D 11 -22.28 -4.98 12.66
N GLY D 12 -22.01 -5.44 13.87
CA GLY D 12 -22.94 -5.24 14.97
C GLY D 12 -22.97 -3.78 15.38
ZN ZN E . 0.55 -5.23 -16.87
ZN ZN F . 2.68 -8.04 -15.35
ZN ZN G . 1.85 -8.02 -19.04
ZN ZN H . 30.57 18.79 -8.80
N SAM I . 23.59 16.70 2.42
CA SAM I . 22.16 16.83 2.65
C SAM I . 21.83 16.86 4.15
O SAM I . 22.74 16.80 4.98
OXT SAM I . 20.66 16.93 4.56
CB SAM I . 21.38 15.75 1.89
CG SAM I . 21.12 16.10 0.43
SD SAM I . 19.85 17.38 0.25
CE SAM I . 18.78 16.66 -1.03
C5' SAM I . 20.70 18.59 -0.79
C4' SAM I . 21.61 19.53 -0.03
O4' SAM I . 22.81 18.87 0.31
C3' SAM I . 22.02 20.69 -0.92
O3' SAM I . 21.08 21.74 -0.87
C2' SAM I . 23.35 21.07 -0.30
O2' SAM I . 23.10 21.79 0.87
C1' SAM I . 23.91 19.72 0.07
N9 SAM I . 24.63 19.14 -1.10
C8 SAM I . 24.21 18.07 -1.86
N7 SAM I . 25.12 17.85 -2.84
C5 SAM I . 26.10 18.79 -2.72
C6 SAM I . 27.26 19.04 -3.45
N6 SAM I . 27.61 18.30 -4.50
N1 SAM I . 28.07 20.07 -3.07
C2 SAM I . 27.73 20.87 -1.99
N3 SAM I . 26.59 20.63 -1.26
C4 SAM I . 25.80 19.59 -1.62
ZN ZN J . 2.24 3.97 20.04
ZN ZN K . 0.46 5.04 16.82
ZN ZN L . 2.76 1.92 16.85
ZN ZN M . -28.37 -20.59 9.80
N SAM N . -21.06 -18.91 -1.36
CA SAM N . -20.72 -17.67 -2.06
C SAM N . -20.18 -17.92 -3.47
O SAM N . -20.15 -19.05 -3.95
OXT SAM N . -19.78 -16.98 -4.17
CB SAM N . -19.73 -16.80 -1.27
CG SAM N . -20.40 -15.99 -0.14
SD SAM N . -21.28 -14.57 -0.85
CE SAM N . -20.65 -13.23 0.19
C5' SAM N . -22.93 -14.72 -0.14
C4' SAM N . -23.79 -15.70 -0.93
O4' SAM N . -23.42 -17.02 -0.60
C3' SAM N . -25.24 -15.57 -0.50
O3' SAM N . -25.91 -14.58 -1.23
C2' SAM N . -25.77 -16.97 -0.79
O2' SAM N . -25.97 -17.15 -2.17
C1' SAM N . -24.59 -17.80 -0.37
N9 SAM N . -24.64 -18.09 1.08
C8 SAM N . -23.76 -17.61 2.03
N7 SAM N . -24.13 -18.08 3.24
C5 SAM N . -25.23 -18.86 3.07
C6 SAM N . -26.01 -19.57 3.98
N6 SAM N . -25.73 -19.61 5.28
N1 SAM N . -27.08 -20.29 3.50
C2 SAM N . -27.38 -20.28 2.16
N3 SAM N . -26.62 -19.57 1.25
C4 SAM N . -25.55 -18.88 1.72
#